data_5EB9
#
_entry.id   5EB9
#
_cell.length_a   45.360
_cell.length_b   87.063
_cell.length_c   70.308
_cell.angle_alpha   90.00
_cell.angle_beta   90.00
_cell.angle_gamma   90.00
#
_symmetry.space_group_name_H-M   'C 2 2 21'
#
loop_
_entity.id
_entity.type
_entity.pdbx_description
1 polymer 'CD8 alpha chain'
2 water water
#
_entity_poly.entity_id   1
_entity_poly.type   'polypeptide(L)'
_entity_poly.pdbx_seq_one_letter_code
;AQGQRNTMEARFLNRNMKHPQEGQPLELECMPFNIDNGVSWIRQDKDGKLHFIVYISPLSRTAFPRNERTSSQFEGSKQG
SSFRLVVKNFRAQDQGTYFCIANINQMLYFSSGQPAFF
;
_entity_poly.pdbx_strand_id   A
#
# COMPACT_ATOMS: atom_id res chain seq x y z
N THR A 7 -0.14 -15.38 -7.21
CA THR A 7 -0.27 -15.07 -5.79
C THR A 7 -0.07 -13.58 -5.55
N MET A 8 -0.45 -13.12 -4.36
CA MET A 8 -0.52 -11.68 -4.06
C MET A 8 0.83 -11.03 -3.77
N GLU A 9 1.14 -9.95 -4.49
CA GLU A 9 2.40 -9.23 -4.28
C GLU A 9 2.20 -7.73 -4.19
N ALA A 10 2.92 -7.12 -3.25
CA ALA A 10 3.08 -5.67 -3.16
C ALA A 10 4.49 -5.35 -3.65
N ARG A 11 4.61 -4.39 -4.57
CA ARG A 11 5.92 -4.05 -5.19
C ARG A 11 6.00 -2.57 -5.50
N PHE A 12 7.22 -2.06 -5.65
CA PHE A 12 7.41 -0.75 -6.26
C PHE A 12 6.86 -0.75 -7.68
N LEU A 13 6.21 0.34 -8.10
CA LEU A 13 5.83 0.51 -9.49
C LEU A 13 7.09 0.42 -10.36
N ASN A 14 8.17 1.02 -9.89
CA ASN A 14 9.46 0.94 -10.57
C ASN A 14 10.26 -0.22 -10.04
N ARG A 15 10.09 -1.37 -10.64
CA ARG A 15 10.73 -2.57 -10.18
C ARG A 15 12.23 -2.49 -10.22
N ASN A 16 12.76 -1.50 -10.88
CA ASN A 16 14.21 -1.32 -10.91
C ASN A 16 14.76 -0.72 -9.62
N MET A 17 13.93 -0.04 -8.85
N MET A 17 13.86 -0.14 -8.84
CA MET A 17 14.47 0.59 -7.65
CA MET A 17 14.18 0.53 -7.57
C MET A 17 14.43 -0.32 -6.44
C MET A 17 14.47 -0.47 -6.44
N LYS A 18 15.46 -0.18 -5.62
CA LYS A 18 15.67 -0.99 -4.48
C LYS A 18 15.17 -0.29 -3.22
N HIS A 19 15.35 1.01 -3.19
CA HIS A 19 14.94 1.85 -2.05
C HIS A 19 14.22 3.11 -2.54
N PRO A 20 13.29 3.62 -1.72
CA PRO A 20 12.55 4.84 -2.06
C PRO A 20 13.47 6.05 -1.84
N GLN A 21 13.22 7.14 -2.55
CA GLN A 21 13.97 8.37 -2.39
C GLN A 21 13.32 9.28 -1.38
N GLU A 22 14.06 9.79 -0.40
CA GLU A 22 13.50 10.79 0.47
C GLU A 22 13.04 12.01 -0.33
N GLY A 23 11.81 12.45 -0.08
CA GLY A 23 11.25 13.59 -0.75
C GLY A 23 10.63 13.37 -2.12
N GLN A 24 10.64 12.13 -2.60
CA GLN A 24 10.00 11.87 -3.88
C GLN A 24 8.65 11.16 -3.75
N PRO A 25 7.79 11.32 -4.75
CA PRO A 25 6.53 10.55 -4.71
C PRO A 25 6.88 9.09 -4.88
N LEU A 26 6.23 8.23 -4.11
CA LEU A 26 6.49 6.81 -4.22
C LEU A 26 5.22 6.09 -4.61
N GLU A 27 5.30 5.28 -5.66
CA GLU A 27 4.14 4.52 -6.08
C GLU A 27 4.42 3.04 -5.89
N LEU A 28 3.49 2.40 -5.20
CA LEU A 28 3.52 0.96 -4.97
C LEU A 28 2.33 0.36 -5.68
N GLU A 29 2.46 -0.91 -6.02
CA GLU A 29 1.42 -1.61 -6.72
C GLU A 29 1.09 -2.89 -5.96
N CYS A 30 -0.19 -3.21 -5.91
CA CYS A 30 -0.66 -4.44 -5.29
C CYS A 30 -1.37 -5.23 -6.37
N MET A 31 -0.95 -6.43 -6.61
CA MET A 31 -1.66 -7.18 -7.58
C MET A 31 -2.33 -8.37 -6.93
N PRO A 32 -3.64 -8.23 -6.84
CA PRO A 32 -4.57 -9.10 -6.09
C PRO A 32 -5.02 -10.31 -6.90
N PHE A 33 -5.08 -11.47 -6.29
CA PHE A 33 -5.62 -12.65 -6.99
C PHE A 33 -7.07 -12.42 -7.43
N ASN A 34 -7.77 -11.55 -6.72
CA ASN A 34 -9.13 -11.20 -7.10
C ASN A 34 -9.36 -9.70 -7.37
N ILE A 35 -9.94 -9.40 -8.52
CA ILE A 35 -10.49 -8.06 -8.76
C ILE A 35 -11.92 -8.07 -8.19
N ASP A 36 -12.67 -7.00 -8.43
CA ASP A 36 -13.93 -6.78 -7.71
C ASP A 36 -13.98 -7.26 -6.26
N ASN A 37 -12.81 -7.36 -5.65
CA ASN A 37 -12.63 -7.20 -4.22
C ASN A 37 -11.56 -6.18 -3.94
N GLY A 38 -11.81 -5.33 -2.96
CA GLY A 38 -10.87 -4.26 -2.66
C GLY A 38 -9.68 -4.82 -1.90
N VAL A 39 -8.73 -3.95 -1.58
CA VAL A 39 -7.60 -4.33 -0.73
C VAL A 39 -7.31 -3.22 0.25
N SER A 40 -6.71 -3.58 1.39
CA SER A 40 -6.19 -2.59 2.33
C SER A 40 -4.69 -2.56 2.22
N TRP A 41 -4.12 -1.35 2.20
CA TRP A 41 -2.68 -1.17 2.31
C TRP A 41 -2.32 -0.98 3.77
N ILE A 42 -1.27 -1.63 4.22
CA ILE A 42 -0.73 -1.50 5.55
C ILE A 42 0.79 -1.29 5.54
N ARG A 43 1.30 -0.64 6.57
CA ARG A 43 2.73 -0.46 6.71
C ARG A 43 3.20 -1.08 8.04
N GLN A 44 4.23 -1.90 7.97
CA GLN A 44 4.84 -2.46 9.19
C GLN A 44 6.20 -1.81 9.48
N ASP A 45 6.34 -1.26 10.69
CA ASP A 45 7.60 -0.67 11.17
C ASP A 45 8.65 -1.76 11.25
N LYS A 46 9.91 -1.37 11.41
CA LYS A 46 10.93 -2.37 11.75
C LYS A 46 10.58 -2.99 13.12
N ASP A 47 10.07 -2.16 14.03
CA ASP A 47 9.40 -2.55 15.26
C ASP A 47 8.66 -3.84 15.16
N GLY A 48 8.03 -4.08 14.02
CA GLY A 48 7.01 -5.12 13.88
C GLY A 48 5.62 -4.48 13.90
N LYS A 49 5.54 -3.29 14.47
CA LYS A 49 4.27 -2.58 14.61
C LYS A 49 3.54 -2.34 13.28
N LEU A 50 2.25 -2.65 13.27
CA LEU A 50 1.45 -2.64 12.05
C LEU A 50 0.53 -1.42 11.93
N HIS A 51 0.47 -0.82 10.75
CA HIS A 51 -0.36 0.37 10.54
C HIS A 51 -1.21 0.24 9.29
N PHE A 52 -2.50 0.52 9.45
CA PHE A 52 -3.46 0.62 8.36
C PHE A 52 -3.29 1.93 7.66
N ILE A 53 -3.17 1.90 6.36
CA ILE A 53 -3.06 3.10 5.58
C ILE A 53 -4.36 3.43 4.90
N VAL A 54 -4.88 2.51 4.09
CA VAL A 54 -6.11 2.81 3.36
C VAL A 54 -6.74 1.55 2.78
N TYR A 55 -8.07 1.52 2.71
CA TYR A 55 -8.77 0.46 2.00
C TYR A 55 -9.32 0.99 0.68
N ILE A 56 -9.05 0.29 -0.42
CA ILE A 56 -9.52 0.68 -1.75
C ILE A 56 -10.56 -0.31 -2.30
N SER A 57 -11.79 0.16 -2.54
CA SER A 57 -12.83 -0.72 -3.08
C SER A 57 -12.58 -1.04 -4.56
N PRO A 58 -13.29 -2.05 -5.10
CA PRO A 58 -13.13 -2.39 -6.51
C PRO A 58 -13.54 -1.24 -7.44
N LEU A 59 -14.26 -0.29 -6.88
CA LEU A 59 -14.68 0.90 -7.57
C LEU A 59 -13.82 2.12 -7.29
N SER A 60 -12.66 1.89 -6.68
CA SER A 60 -11.70 2.95 -6.36
C SER A 60 -12.17 3.89 -5.25
N ARG A 61 -13.12 3.44 -4.44
CA ARG A 61 -13.54 4.18 -3.24
C ARG A 61 -12.57 3.93 -2.11
N THR A 62 -12.15 5.00 -1.43
CA THR A 62 -11.13 4.89 -0.38
C THR A 62 -11.71 5.14 1.02
N ALA A 63 -11.17 4.43 2.01
CA ALA A 63 -11.49 4.71 3.39
C ALA A 63 -10.20 4.79 4.20
N PHE A 64 -9.99 5.90 4.89
CA PHE A 64 -8.77 6.15 5.63
C PHE A 64 -9.03 6.06 7.12
N PRO A 65 -7.96 5.92 7.92
CA PRO A 65 -8.13 5.99 9.37
C PRO A 65 -8.78 7.32 9.72
N ARG A 66 -9.42 7.38 10.89
CA ARG A 66 -10.10 8.55 11.46
C ARG A 66 -9.18 9.67 11.94
N ASN A 67 -8.15 9.36 12.74
CA ASN A 67 -7.09 10.32 13.13
C ASN A 67 -6.19 10.60 11.95
N GLU A 68 -6.26 11.75 11.33
CA GLU A 68 -5.92 11.81 9.95
C GLU A 68 -4.80 12.70 9.49
N ARG A 69 -3.57 12.24 9.53
CA ARG A 69 -2.61 12.77 8.65
C ARG A 69 -2.73 11.97 7.32
N THR A 70 -3.12 10.72 7.44
CA THR A 70 -3.02 9.72 6.39
C THR A 70 -3.62 10.09 5.04
N SER A 71 -4.86 10.55 5.05
CA SER A 71 -5.59 10.93 3.83
C SER A 71 -4.87 12.01 3.05
N SER A 72 -4.02 12.79 3.71
CA SER A 72 -3.32 13.87 3.03
C SER A 72 -1.93 13.44 2.56
N GLN A 73 -1.43 12.32 3.07
CA GLN A 73 -0.08 11.91 2.68
C GLN A 73 -0.05 10.74 1.72
N PHE A 74 -1.15 9.99 1.65
CA PHE A 74 -1.26 8.82 0.77
C PHE A 74 -2.45 8.95 -0.19
N GLU A 75 -2.28 8.45 -1.41
CA GLU A 75 -3.38 8.34 -2.38
C GLU A 75 -3.58 6.87 -2.74
N GLY A 76 -4.84 6.43 -2.73
CA GLY A 76 -5.18 5.07 -3.13
C GLY A 76 -6.02 5.08 -4.38
N SER A 77 -5.80 4.11 -5.26
CA SER A 77 -6.66 3.94 -6.44
C SER A 77 -6.55 2.52 -7.01
N LYS A 78 -7.48 2.14 -7.86
CA LYS A 78 -7.33 0.91 -8.64
C LYS A 78 -7.08 1.31 -10.09
N GLN A 79 -5.92 0.92 -10.62
CA GLN A 79 -5.56 1.21 -12.01
C GLN A 79 -5.53 -0.06 -12.85
N GLY A 80 -6.62 -0.29 -13.58
CA GLY A 80 -6.79 -1.47 -14.41
C GLY A 80 -6.25 -2.76 -13.84
N SER A 81 -7.04 -3.41 -12.98
CA SER A 81 -6.70 -4.73 -12.43
C SER A 81 -5.75 -4.73 -11.22
N SER A 82 -4.95 -3.68 -11.08
CA SER A 82 -4.07 -3.60 -9.94
C SER A 82 -4.41 -2.45 -9.00
N PHE A 83 -4.05 -2.57 -7.76
CA PHE A 83 -4.25 -1.49 -6.79
C PHE A 83 -2.98 -0.69 -6.58
N ARG A 84 -3.12 0.63 -6.40
CA ARG A 84 -1.97 1.52 -6.28
C ARG A 84 -2.04 2.30 -4.98
N LEU A 85 -0.89 2.46 -4.35
CA LEU A 85 -0.74 3.39 -3.25
C LEU A 85 0.38 4.40 -3.58
N VAL A 86 0.06 5.68 -3.51
CA VAL A 86 1.04 6.75 -3.72
C VAL A 86 1.35 7.45 -2.40
N VAL A 87 2.64 7.51 -2.07
CA VAL A 87 3.11 8.35 -1.00
C VAL A 87 3.55 9.67 -1.66
N LYS A 88 2.82 10.75 -1.38
CA LYS A 88 3.02 12.02 -2.10
C LYS A 88 4.44 12.55 -1.99
N ASN A 89 4.96 12.63 -0.77
CA ASN A 89 6.36 13.00 -0.53
C ASN A 89 6.87 12.01 0.47
N PHE A 90 7.76 11.13 0.04
CA PHE A 90 8.20 10.05 0.92
C PHE A 90 9.21 10.56 1.95
N ARG A 91 8.83 10.49 3.23
CA ARG A 91 9.68 10.99 4.29
C ARG A 91 10.10 9.86 5.22
N ALA A 92 11.00 10.17 6.14
CA ALA A 92 11.51 9.20 7.10
C ALA A 92 10.42 8.40 7.82
N GLN A 93 9.33 9.07 8.21
CA GLN A 93 8.25 8.41 8.94
C GLN A 93 7.39 7.49 8.08
N ASP A 94 7.65 7.46 6.78
CA ASP A 94 6.96 6.58 5.85
C ASP A 94 7.68 5.27 5.60
N GLN A 95 8.90 5.12 6.13
CA GLN A 95 9.67 3.91 5.89
C GLN A 95 8.99 2.70 6.56
N GLY A 96 9.11 1.53 5.96
CA GLY A 96 8.51 0.35 6.55
C GLY A 96 8.36 -0.71 5.49
N THR A 97 7.75 -1.84 5.86
CA THR A 97 7.40 -2.83 4.86
C THR A 97 5.91 -2.75 4.56
N TYR A 98 5.58 -2.54 3.29
CA TYR A 98 4.21 -2.31 2.85
C TYR A 98 3.60 -3.62 2.35
N PHE A 99 2.37 -3.89 2.77
CA PHE A 99 1.61 -5.07 2.37
C PHE A 99 0.23 -4.71 1.84
N CYS A 100 -0.29 -5.55 0.94
CA CYS A 100 -1.69 -5.55 0.52
C CYS A 100 -2.46 -6.66 1.24
N ILE A 101 -3.70 -6.39 1.67
CA ILE A 101 -4.57 -7.38 2.29
C ILE A 101 -5.93 -7.41 1.60
N ALA A 102 -6.40 -8.60 1.26
CA ALA A 102 -7.76 -8.75 0.76
C ALA A 102 -8.56 -9.55 1.79
N ASN A 103 -9.81 -9.14 2.00
CA ASN A 103 -10.72 -9.75 2.93
C ASN A 103 -11.93 -10.24 2.18
N ILE A 104 -11.97 -11.54 1.94
CA ILE A 104 -13.03 -12.15 1.14
C ILE A 104 -13.72 -13.25 1.95
N ASN A 105 -15.00 -13.05 2.25
CA ASN A 105 -15.77 -13.99 3.06
C ASN A 105 -15.15 -14.24 4.43
N GLN A 106 -14.73 -13.15 5.04
CA GLN A 106 -14.14 -13.17 6.36
C GLN A 106 -12.87 -13.98 6.45
N MET A 107 -12.24 -14.21 5.33
CA MET A 107 -10.89 -14.78 5.27
C MET A 107 -9.92 -13.73 4.72
N LEU A 108 -8.74 -13.61 5.33
CA LEU A 108 -7.76 -12.62 4.88
C LEU A 108 -6.66 -13.23 4.04
N TYR A 109 -6.26 -12.50 3.01
CA TYR A 109 -5.18 -12.91 2.15
C TYR A 109 -4.14 -11.77 2.08
N PHE A 110 -2.88 -12.13 2.29
CA PHE A 110 -1.81 -11.16 2.45
C PHE A 110 -0.86 -11.28 1.27
N SER A 111 -0.38 -10.16 0.78
CA SER A 111 0.65 -10.15 -0.18
C SER A 111 1.97 -10.34 0.49
N SER A 112 2.96 -10.62 -0.32
CA SER A 112 4.34 -10.47 0.04
C SER A 112 4.61 -8.98 0.31
N GLY A 113 5.54 -8.70 1.20
CA GLY A 113 5.76 -7.32 1.60
C GLY A 113 6.79 -6.61 0.73
N GLN A 114 6.70 -5.29 0.68
CA GLN A 114 7.69 -4.48 -0.03
C GLN A 114 8.44 -3.58 0.94
N PRO A 115 9.71 -3.92 1.25
CA PRO A 115 10.56 -3.08 2.09
C PRO A 115 10.73 -1.70 1.48
N ALA A 116 10.50 -0.67 2.29
CA ALA A 116 10.71 0.71 1.83
C ALA A 116 11.49 1.48 2.89
N PHE A 117 12.81 1.46 2.75
CA PHE A 117 13.73 2.07 3.69
C PHE A 117 14.81 2.72 2.85
N PHE A 118 15.24 3.92 3.24
CA PHE A 118 16.31 4.63 2.53
C PHE A 118 17.58 3.76 2.44
#